data_7CCV
#
_entry.id   7CCV
#
_cell.length_a   46.796
_cell.length_b   61.731
_cell.length_c   87.501
_cell.angle_alpha   90.00
_cell.angle_beta   90.00
_cell.angle_gamma   90.00
#
_symmetry.space_group_name_H-M   'P 21 21 21'
#
loop_
_entity.id
_entity.type
_entity.pdbx_description
1 polymer 'Death-associated protein kinase 1'
2 non-polymer PICEATANNOL
3 non-polymer 'SULFATE ION'
4 water water
#
_entity_poly.entity_id   1
_entity_poly.type   'polypeptide(L)'
_entity_poly.pdbx_seq_one_letter_code
;MTVFRQENVDDYYDTGEELGSGQFAVVKKCREKSTGLQYAAKFIKKRRTKSSRRGVSREDIEREVSILKEIQHPNVITLH
EVYENKTDVILILELVAGGELFDFLAEKESLTEEEATEFLKQILNGVYYLHSLQIAHFDLKPENIMLLDRNVPKPRIKII
DFGLAHKIDFGNEFKNIFGTPEFVAPEIVNYEPLGLEADMWSIGVITYILLSGASPFLGDTKQETLANVSAVNYEFEDEY
FSNTSALAKDFIRRLLVKDPKKRMTIQDSLQHPWIKPKDTQQALSLEHHHHHH
;
_entity_poly.pdbx_strand_id   A
#
loop_
_chem_comp.id
_chem_comp.type
_chem_comp.name
_chem_comp.formula
PIT non-polymer PICEATANNOL 'C14 H12 O4'
SO4 non-polymer 'SULFATE ION' 'O4 S -2'
#
# COMPACT_ATOMS: atom_id res chain seq x y z
N THR A 2 -2.95 23.99 4.05
CA THR A 2 -2.87 24.21 2.60
C THR A 2 -4.25 24.07 1.98
N VAL A 3 -4.61 25.01 1.14
CA VAL A 3 -5.92 25.00 0.52
C VAL A 3 -5.79 24.47 -0.89
N PHE A 4 -6.85 23.87 -1.39
CA PHE A 4 -6.83 23.22 -2.69
C PHE A 4 -7.77 23.96 -3.64
N ARG A 5 -7.78 23.51 -4.90
CA ARG A 5 -8.62 24.14 -5.91
C ARG A 5 -10.08 24.01 -5.54
N GLN A 6 -10.78 25.15 -5.42
CA GLN A 6 -12.16 25.11 -4.97
C GLN A 6 -13.17 25.38 -6.08
N GLU A 7 -12.75 25.40 -7.33
CA GLU A 7 -13.72 25.32 -8.40
C GLU A 7 -14.39 23.95 -8.41
N ASN A 8 -15.60 23.90 -8.95
CA ASN A 8 -16.32 22.63 -9.00
C ASN A 8 -15.54 21.66 -9.89
N VAL A 9 -15.24 20.49 -9.33
CA VAL A 9 -14.49 19.50 -10.11
C VAL A 9 -15.25 19.12 -11.37
N ASP A 10 -16.58 19.16 -11.30
CA ASP A 10 -17.41 18.83 -12.46
C ASP A 10 -17.27 19.83 -13.58
N ASP A 11 -16.73 21.02 -13.32
CA ASP A 11 -16.48 21.98 -14.39
C ASP A 11 -15.29 21.58 -15.25
N TYR A 12 -14.44 20.68 -14.76
CA TYR A 12 -13.21 20.34 -15.44
C TYR A 12 -13.07 18.87 -15.76
N TYR A 13 -13.88 18.02 -15.15
CA TYR A 13 -13.80 16.59 -15.33
C TYR A 13 -15.21 16.04 -15.43
N ASP A 14 -15.35 14.97 -16.21
CA ASP A 14 -16.56 14.16 -16.22
C ASP A 14 -16.19 12.83 -15.58
N THR A 15 -17.00 12.38 -14.63
CA THR A 15 -16.74 11.10 -14.00
C THR A 15 -17.51 10.00 -14.71
N GLY A 16 -17.02 8.77 -14.53
CA GLY A 16 -17.66 7.62 -15.13
C GLY A 16 -17.73 6.46 -14.17
N GLU A 17 -17.10 5.35 -14.55
CA GLU A 17 -17.19 4.12 -13.78
C GLU A 17 -16.60 4.33 -12.39
N GLU A 18 -17.26 3.80 -11.38
CA GLU A 18 -16.69 3.79 -10.05
C GLU A 18 -15.62 2.70 -9.97
N LEU A 19 -14.44 3.07 -9.49
CA LEU A 19 -13.33 2.13 -9.42
C LEU A 19 -13.24 1.43 -8.07
N GLY A 20 -13.71 2.08 -7.02
CA GLY A 20 -13.74 1.43 -5.72
C GLY A 20 -14.25 2.40 -4.68
N SER A 21 -14.50 1.87 -3.49
CA SER A 21 -14.89 2.73 -2.38
C SER A 21 -14.49 2.07 -1.08
N GLY A 22 -14.26 2.91 -0.08
CA GLY A 22 -13.84 2.44 1.21
C GLY A 22 -14.59 3.20 2.27
N GLN A 23 -14.05 3.25 3.49
CA GLN A 23 -14.81 3.79 4.61
C GLN A 23 -15.09 5.28 4.46
N PHE A 24 -14.12 6.05 3.99
CA PHE A 24 -14.33 7.49 3.87
C PHE A 24 -14.05 8.02 2.47
N ALA A 25 -14.03 7.14 1.46
CA ALA A 25 -13.60 7.59 0.14
C ALA A 25 -14.25 6.73 -0.93
N VAL A 26 -14.40 7.33 -2.10
CA VAL A 26 -14.85 6.64 -3.30
C VAL A 26 -13.96 7.10 -4.43
N VAL A 27 -13.62 6.19 -5.35
CA VAL A 27 -12.74 6.47 -6.46
C VAL A 27 -13.54 6.26 -7.74
N LYS A 28 -13.61 7.29 -8.58
CA LYS A 28 -14.35 7.23 -9.82
C LYS A 28 -13.41 7.54 -10.97
N LYS A 29 -13.50 6.73 -12.02
CA LYS A 29 -12.85 7.09 -13.26
C LYS A 29 -13.35 8.45 -13.72
N CYS A 30 -12.44 9.24 -14.29
CA CYS A 30 -12.88 10.53 -14.81
C CYS A 30 -12.06 10.86 -16.04
N ARG A 31 -12.50 11.89 -16.74
CA ARG A 31 -11.86 12.38 -17.95
C ARG A 31 -11.77 13.89 -17.85
N GLU A 32 -10.57 14.43 -18.03
CA GLU A 32 -10.40 15.87 -17.97
C GLU A 32 -10.92 16.49 -19.25
N LYS A 33 -11.78 17.49 -19.13
CA LYS A 33 -12.42 18.08 -20.30
C LYS A 33 -11.40 18.72 -21.22
N SER A 34 -10.40 19.39 -20.66
CA SER A 34 -9.48 20.19 -21.47
C SER A 34 -8.50 19.34 -22.26
N THR A 35 -8.20 18.13 -21.80
CA THR A 35 -7.21 17.28 -22.46
C THR A 35 -7.78 15.98 -22.98
N GLY A 36 -8.96 15.56 -22.53
CA GLY A 36 -9.43 14.23 -22.81
C GLY A 36 -8.67 13.15 -22.08
N LEU A 37 -7.69 13.51 -21.26
CA LEU A 37 -6.92 12.52 -20.53
C LEU A 37 -7.75 11.99 -19.37
N GLN A 38 -7.51 10.73 -19.04
CA GLN A 38 -8.31 10.04 -18.04
C GLN A 38 -7.52 9.85 -16.76
N TYR A 39 -8.26 9.88 -15.65
CA TYR A 39 -7.69 9.85 -14.31
C TYR A 39 -8.62 9.09 -13.39
N ALA A 40 -8.19 8.92 -12.15
CA ALA A 40 -9.04 8.40 -11.10
C ALA A 40 -9.27 9.53 -10.11
N ALA A 41 -10.52 9.83 -9.82
CA ALA A 41 -10.87 10.88 -8.87
C ALA A 41 -11.21 10.20 -7.55
N LYS A 42 -10.40 10.45 -6.53
CA LYS A 42 -10.66 9.91 -5.20
C LYS A 42 -11.31 10.99 -4.37
N PHE A 43 -12.58 10.80 -4.03
CA PHE A 43 -13.31 11.75 -3.20
C PHE A 43 -13.15 11.30 -1.75
N ILE A 44 -12.49 12.11 -0.94
CA ILE A 44 -12.23 11.80 0.47
C ILE A 44 -13.15 12.65 1.32
N LYS A 45 -13.98 12.01 2.14
CA LYS A 45 -14.93 12.77 2.93
C LYS A 45 -14.21 13.52 4.04
N LYS A 46 -14.43 14.83 4.11
CA LYS A 46 -13.87 15.66 5.16
C LYS A 46 -14.57 15.41 6.48
N ARG A 47 -13.83 15.59 7.57
CA ARG A 47 -14.41 15.68 8.90
C ARG A 47 -15.26 16.94 8.97
N ARG A 48 -16.46 16.82 9.55
CA ARG A 48 -17.39 17.93 9.62
C ARG A 48 -17.26 18.74 10.90
N THR A 49 -16.67 18.16 11.95
CA THR A 49 -16.41 18.90 13.18
C THR A 49 -15.05 18.47 13.72
N LYS A 50 -14.54 19.24 14.67
CA LYS A 50 -13.22 18.94 15.23
C LYS A 50 -13.21 17.59 15.92
N SER A 51 -14.22 17.31 16.75
CA SER A 51 -14.27 16.10 17.56
C SER A 51 -15.02 14.96 16.88
N SER A 52 -15.22 15.03 15.57
CA SER A 52 -15.95 13.98 14.90
C SER A 52 -15.05 12.79 14.62
N ARG A 53 -15.68 11.64 14.40
CA ARG A 53 -14.97 10.42 14.01
C ARG A 53 -15.21 10.03 12.56
N ARG A 54 -16.25 10.56 11.92
CA ARG A 54 -16.49 10.31 10.52
C ARG A 54 -15.64 11.26 9.67
N GLY A 55 -15.32 10.82 8.47
CA GLY A 55 -14.50 11.60 7.57
C GLY A 55 -13.04 11.61 8.02
N VAL A 56 -12.22 12.26 7.22
CA VAL A 56 -10.78 12.29 7.42
C VAL A 56 -10.38 13.70 7.87
N SER A 57 -9.56 13.78 8.92
CA SER A 57 -9.11 15.06 9.42
C SER A 57 -8.28 15.79 8.38
N ARG A 58 -8.34 17.12 8.43
CA ARG A 58 -7.55 17.94 7.51
C ARG A 58 -6.09 17.57 7.57
N GLU A 59 -5.57 17.38 8.79
CA GLU A 59 -4.17 17.06 8.97
C GLU A 59 -3.82 15.78 8.23
N ASP A 60 -4.68 14.78 8.34
CA ASP A 60 -4.43 13.52 7.64
C ASP A 60 -4.55 13.69 6.13
N ILE A 61 -5.51 14.49 5.67
CA ILE A 61 -5.64 14.71 4.25
C ILE A 61 -4.41 15.45 3.73
N GLU A 62 -3.99 16.48 4.46
CA GLU A 62 -2.87 17.28 3.99
C GLU A 62 -1.59 16.47 4.01
N ARG A 63 -1.45 15.57 4.98
CA ARG A 63 -0.27 14.72 5.00
C ARG A 63 -0.22 13.82 3.77
N GLU A 64 -1.36 13.18 3.44
CA GLU A 64 -1.42 12.32 2.26
C GLU A 64 -1.12 13.12 1.00
N VAL A 65 -1.72 14.30 0.85
CA VAL A 65 -1.46 15.10 -0.35
C VAL A 65 0.00 15.51 -0.40
N SER A 66 0.57 15.92 0.74
CA SER A 66 1.95 16.39 0.72
C SER A 66 2.90 15.26 0.30
N ILE A 67 2.62 14.05 0.76
CA ILE A 67 3.43 12.90 0.36
C ILE A 67 3.26 12.62 -1.12
N LEU A 68 2.03 12.60 -1.60
CA LEU A 68 1.78 12.33 -3.01
C LEU A 68 2.45 13.35 -3.91
N LYS A 69 2.47 14.63 -3.49
CA LYS A 69 3.13 15.62 -4.33
C LYS A 69 4.63 15.40 -4.45
N GLU A 70 5.24 14.73 -3.48
CA GLU A 70 6.68 14.52 -3.49
C GLU A 70 7.10 13.42 -4.46
N ILE A 71 6.24 12.44 -4.70
CA ILE A 71 6.67 11.19 -5.30
C ILE A 71 6.43 11.21 -6.81
N GLN A 72 7.43 10.76 -7.55
CA GLN A 72 7.30 10.53 -8.99
C GLN A 72 8.18 9.32 -9.28
N HIS A 73 7.55 8.16 -9.47
CA HIS A 73 8.30 6.94 -9.71
C HIS A 73 7.38 6.00 -10.47
N PRO A 74 7.90 5.20 -11.39
CA PRO A 74 7.03 4.31 -12.18
C PRO A 74 6.18 3.36 -11.36
N ASN A 75 6.57 3.01 -10.14
CA ASN A 75 5.81 2.06 -9.34
C ASN A 75 5.01 2.71 -8.23
N VAL A 76 4.83 4.03 -8.27
CA VAL A 76 3.96 4.71 -7.34
C VAL A 76 3.00 5.57 -8.14
N ILE A 77 1.78 5.68 -7.64
CA ILE A 77 0.76 6.47 -8.32
C ILE A 77 1.20 7.93 -8.39
N THR A 78 0.77 8.60 -9.45
CA THR A 78 1.07 10.01 -9.68
C THR A 78 -0.18 10.84 -9.37
N LEU A 79 -0.05 11.80 -8.48
CA LEU A 79 -1.13 12.75 -8.21
C LEU A 79 -1.09 13.86 -9.27
N HIS A 80 -2.25 14.11 -9.88
CA HIS A 80 -2.35 15.10 -10.93
C HIS A 80 -2.77 16.46 -10.42
N GLU A 81 -3.80 16.52 -9.58
CA GLU A 81 -4.38 17.77 -9.10
C GLU A 81 -5.15 17.45 -7.84
N VAL A 82 -5.42 18.47 -7.04
CA VAL A 82 -6.28 18.31 -5.87
C VAL A 82 -7.35 19.39 -5.92
N TYR A 83 -8.61 18.97 -5.75
CA TYR A 83 -9.74 19.87 -5.58
C TYR A 83 -10.34 19.66 -4.21
N GLU A 84 -11.19 20.60 -3.80
CA GLU A 84 -11.91 20.39 -2.56
C GLU A 84 -13.16 21.23 -2.58
N ASN A 85 -14.14 20.78 -1.82
CA ASN A 85 -15.33 21.57 -1.53
C ASN A 85 -15.66 21.34 -0.06
N LYS A 86 -16.85 21.75 0.36
CA LYS A 86 -17.17 21.69 1.78
C LYS A 86 -17.18 20.25 2.30
N THR A 87 -17.45 19.29 1.43
CA THR A 87 -17.68 17.91 1.86
C THR A 87 -16.52 16.98 1.55
N ASP A 88 -15.75 17.22 0.50
CA ASP A 88 -14.73 16.29 0.05
C ASP A 88 -13.45 17.03 -0.29
N VAL A 89 -12.33 16.34 -0.16
CA VAL A 89 -11.14 16.64 -0.93
C VAL A 89 -11.09 15.63 -2.05
N ILE A 90 -10.79 16.08 -3.25
CA ILE A 90 -10.83 15.23 -4.43
C ILE A 90 -9.42 15.17 -5.00
N LEU A 91 -8.79 14.00 -4.89
CA LEU A 91 -7.49 13.76 -5.50
C LEU A 91 -7.72 13.32 -6.94
N ILE A 92 -7.15 14.04 -7.89
CA ILE A 92 -7.12 13.58 -9.27
C ILE A 92 -5.82 12.82 -9.44
N LEU A 93 -5.94 11.52 -9.66
CA LEU A 93 -4.82 10.61 -9.61
C LEU A 93 -4.67 9.89 -10.93
N GLU A 94 -3.46 9.42 -11.16
CA GLU A 94 -3.18 8.61 -12.33
C GLU A 94 -4.17 7.46 -12.39
N LEU A 95 -4.66 7.19 -13.60
CA LEU A 95 -5.59 6.09 -13.85
C LEU A 95 -4.79 4.81 -14.08
N VAL A 96 -5.08 3.79 -13.29
CA VAL A 96 -4.44 2.49 -13.40
C VAL A 96 -5.58 1.48 -13.57
N ALA A 97 -5.68 0.88 -14.74
CA ALA A 97 -6.90 0.21 -15.17
C ALA A 97 -6.86 -1.31 -15.05
N GLY A 98 -5.78 -1.89 -14.54
CA GLY A 98 -5.73 -3.34 -14.41
C GLY A 98 -6.24 -3.90 -13.10
N GLY A 99 -6.79 -3.07 -12.22
CA GLY A 99 -7.37 -3.55 -10.99
C GLY A 99 -6.35 -3.85 -9.91
N GLU A 100 -6.86 -4.29 -8.77
CA GLU A 100 -6.01 -4.57 -7.62
C GLU A 100 -5.21 -5.84 -7.82
N LEU A 101 -3.96 -5.81 -7.35
CA LEU A 101 -3.22 -7.05 -7.21
C LEU A 101 -4.02 -8.06 -6.40
N PHE A 102 -4.82 -7.58 -5.43
CA PHE A 102 -5.69 -8.48 -4.67
C PHE A 102 -6.62 -9.28 -5.58
N ASP A 103 -7.23 -8.60 -6.56
CA ASP A 103 -8.21 -9.28 -7.41
C ASP A 103 -7.52 -10.17 -8.44
N PHE A 104 -6.36 -9.74 -8.94
CA PHE A 104 -5.57 -10.57 -9.83
C PHE A 104 -5.19 -11.87 -9.15
N LEU A 105 -4.73 -11.78 -7.90
CA LEU A 105 -4.34 -12.98 -7.14
C LEU A 105 -5.52 -13.90 -6.91
N ALA A 106 -6.72 -13.35 -6.75
CA ALA A 106 -7.89 -14.19 -6.58
C ALA A 106 -8.13 -15.08 -7.81
N GLU A 107 -7.70 -14.62 -8.99
CA GLU A 107 -7.85 -15.41 -10.21
C GLU A 107 -6.83 -16.54 -10.26
N SER A 110 -2.49 -18.67 -6.93
CA SER A 110 -1.12 -18.84 -6.47
C SER A 110 -0.19 -18.62 -7.66
N LEU A 111 0.92 -17.92 -7.43
CA LEU A 111 1.86 -17.59 -8.49
C LEU A 111 3.10 -18.49 -8.41
N THR A 112 3.77 -18.64 -9.55
CA THR A 112 5.12 -19.17 -9.55
C THR A 112 6.07 -18.16 -8.88
N GLU A 113 7.27 -18.62 -8.53
CA GLU A 113 8.24 -17.70 -7.93
C GLU A 113 8.66 -16.63 -8.92
N GLU A 114 8.71 -16.96 -10.21
CA GLU A 114 9.02 -15.95 -11.21
C GLU A 114 7.94 -14.89 -11.27
N GLU A 115 6.67 -15.32 -11.30
CA GLU A 115 5.57 -14.36 -11.34
C GLU A 115 5.50 -13.57 -10.06
N ALA A 116 5.73 -14.23 -8.92
CA ALA A 116 5.79 -13.50 -7.66
C ALA A 116 6.92 -12.49 -7.66
N THR A 117 8.11 -12.90 -8.09
CA THR A 117 9.25 -11.97 -8.04
C THR A 117 9.11 -10.84 -9.04
N GLU A 118 8.46 -11.09 -10.18
CA GLU A 118 8.19 -10.01 -11.13
C GLU A 118 7.34 -8.93 -10.50
N PHE A 119 6.30 -9.33 -9.75
CA PHE A 119 5.51 -8.37 -9.00
C PHE A 119 6.34 -7.79 -7.87
N LEU A 120 7.02 -8.67 -7.12
CA LEU A 120 7.70 -8.23 -5.91
C LEU A 120 8.80 -7.24 -6.23
N LYS A 121 9.54 -7.47 -7.31
CA LYS A 121 10.63 -6.58 -7.67
C LYS A 121 10.12 -5.17 -7.92
N GLN A 122 8.96 -5.04 -8.57
CA GLN A 122 8.38 -3.72 -8.76
C GLN A 122 7.93 -3.10 -7.45
N ILE A 123 7.31 -3.90 -6.57
CA ILE A 123 6.95 -3.40 -5.26
C ILE A 123 8.19 -2.91 -4.51
N LEU A 124 9.25 -3.72 -4.53
CA LEU A 124 10.48 -3.35 -3.84
C LEU A 124 11.08 -2.09 -4.43
N ASN A 125 11.05 -1.95 -5.76
CA ASN A 125 11.57 -0.74 -6.38
C ASN A 125 10.76 0.48 -5.94
N GLY A 126 9.43 0.34 -5.90
CA GLY A 126 8.62 1.45 -5.44
C GLY A 126 8.86 1.76 -3.99
N VAL A 127 8.98 0.72 -3.15
CA VAL A 127 9.24 0.94 -1.74
C VAL A 127 10.64 1.48 -1.53
N TYR A 128 11.59 1.03 -2.33
CA TYR A 128 12.93 1.58 -2.25
C TYR A 128 12.89 3.09 -2.50
N TYR A 129 12.09 3.49 -3.49
CA TYR A 129 11.95 4.91 -3.78
C TYR A 129 11.37 5.66 -2.58
N LEU A 130 10.28 5.13 -2.02
CA LEU A 130 9.63 5.77 -0.87
C LEU A 130 10.56 5.83 0.32
N HIS A 131 11.14 4.69 0.70
CA HIS A 131 12.02 4.65 1.86
C HIS A 131 13.22 5.55 1.67
N SER A 132 13.73 5.64 0.44
CA SER A 132 14.80 6.59 0.15
C SER A 132 14.38 8.02 0.47
N LEU A 133 13.10 8.33 0.32
CA LEU A 133 12.58 9.64 0.69
C LEU A 133 12.11 9.66 2.14
N GLN A 134 12.44 8.63 2.92
CA GLN A 134 12.02 8.50 4.31
C GLN A 134 10.50 8.47 4.44
N ILE A 135 9.81 7.96 3.44
CA ILE A 135 8.36 7.81 3.48
C ILE A 135 8.04 6.37 3.82
N ALA A 136 7.36 6.15 4.93
CA ALA A 136 6.77 4.87 5.25
C ALA A 136 5.35 4.87 4.71
N HIS A 137 4.99 3.83 3.99
CA HIS A 137 3.65 3.73 3.44
C HIS A 137 2.66 3.33 4.52
N PHE A 138 3.00 2.31 5.30
CA PHE A 138 2.25 1.84 6.47
C PHE A 138 0.96 1.12 6.12
N ASP A 139 0.63 0.95 4.83
CA ASP A 139 -0.60 0.26 4.46
C ASP A 139 -0.37 -0.63 3.26
N LEU A 140 0.83 -1.23 3.16
CA LEU A 140 1.12 -2.11 2.04
C LEU A 140 0.37 -3.43 2.18
N LYS A 141 -0.36 -3.79 1.12
CA LYS A 141 -1.15 -5.00 1.01
C LYS A 141 -1.62 -5.11 -0.43
N PRO A 142 -2.07 -6.28 -0.87
CA PRO A 142 -2.40 -6.45 -2.30
C PRO A 142 -3.50 -5.52 -2.77
N GLU A 143 -4.42 -5.15 -1.88
CA GLU A 143 -5.46 -4.20 -2.27
C GLU A 143 -4.89 -2.84 -2.64
N ASN A 144 -3.71 -2.48 -2.13
CA ASN A 144 -3.09 -1.19 -2.40
C ASN A 144 -1.99 -1.27 -3.46
N ILE A 145 -1.98 -2.34 -4.25
CA ILE A 145 -1.07 -2.48 -5.39
C ILE A 145 -1.96 -2.62 -6.61
N MET A 146 -1.92 -1.64 -7.51
CA MET A 146 -2.73 -1.65 -8.71
C MET A 146 -1.89 -2.06 -9.91
N LEU A 147 -2.51 -2.76 -10.85
CA LEU A 147 -1.84 -3.17 -12.09
C LEU A 147 -2.23 -2.22 -13.21
N LEU A 148 -1.25 -1.84 -14.02
CA LEU A 148 -1.55 -0.98 -15.17
C LEU A 148 -2.40 -1.71 -16.22
N ASP A 149 -2.06 -2.97 -16.50
CA ASP A 149 -2.80 -3.78 -17.46
C ASP A 149 -2.68 -5.23 -17.00
N ARG A 150 -3.80 -5.83 -16.59
CA ARG A 150 -3.78 -7.18 -16.05
C ARG A 150 -3.82 -8.27 -17.11
N ASN A 151 -3.93 -7.90 -18.38
CA ASN A 151 -3.99 -8.85 -19.49
C ASN A 151 -2.66 -8.94 -20.23
N VAL A 152 -1.56 -8.84 -19.50
CA VAL A 152 -0.22 -9.05 -20.05
C VAL A 152 0.47 -10.09 -19.19
N PRO A 153 1.55 -10.70 -19.69
CA PRO A 153 2.23 -11.74 -18.88
C PRO A 153 2.81 -11.23 -17.58
N LYS A 154 3.46 -10.06 -17.61
CA LYS A 154 4.16 -9.49 -16.47
C LYS A 154 3.57 -8.11 -16.20
N PRO A 155 2.44 -8.04 -15.49
CA PRO A 155 1.78 -6.74 -15.30
C PRO A 155 2.66 -5.78 -14.51
N ARG A 156 2.64 -4.52 -14.94
CA ARG A 156 3.30 -3.44 -14.22
C ARG A 156 2.39 -2.92 -13.12
N ILE A 157 2.98 -2.54 -12.00
CA ILE A 157 2.18 -2.20 -10.83
C ILE A 157 2.53 -0.83 -10.32
N LYS A 158 1.60 -0.28 -9.56
CA LYS A 158 1.79 1.00 -8.90
C LYS A 158 1.21 0.91 -7.50
N ILE A 159 1.98 1.38 -6.52
CA ILE A 159 1.49 1.43 -5.16
C ILE A 159 0.54 2.61 -5.02
N ILE A 160 -0.58 2.38 -4.34
CA ILE A 160 -1.59 3.41 -4.13
C ILE A 160 -1.88 3.53 -2.64
N ASP A 161 -2.83 4.42 -2.33
CA ASP A 161 -3.43 4.56 -0.99
CA ASP A 161 -3.41 4.58 -0.99
C ASP A 161 -2.38 4.96 0.05
N PHE A 162 -1.98 6.22 0.00
CA PHE A 162 -1.01 6.76 0.92
C PHE A 162 -1.66 7.39 2.14
N GLY A 163 -2.89 6.98 2.45
CA GLY A 163 -3.66 7.56 3.54
C GLY A 163 -3.05 7.33 4.92
N LEU A 164 -2.17 6.34 5.06
CA LEU A 164 -1.45 6.14 6.31
C LEU A 164 0.01 6.55 6.22
N ALA A 165 0.48 6.97 5.05
CA ALA A 165 1.91 7.18 4.86
C ALA A 165 2.40 8.34 5.70
N HIS A 166 3.64 8.22 6.20
CA HIS A 166 4.24 9.27 7.00
C HIS A 166 5.70 9.45 6.58
N LYS A 167 6.16 10.70 6.62
CA LYS A 167 7.58 10.99 6.58
C LYS A 167 8.23 10.57 7.89
N ILE A 168 9.34 9.84 7.80
CA ILE A 168 10.01 9.34 8.99
C ILE A 168 11.34 10.07 9.09
N ASP A 169 11.32 11.32 9.50
CA ASP A 169 12.56 12.10 9.54
C ASP A 169 13.33 11.95 10.85
N PHE A 170 12.73 11.34 11.87
CA PHE A 170 13.42 11.04 13.13
C PHE A 170 13.64 9.55 13.31
N GLY A 171 13.62 8.78 12.23
CA GLY A 171 13.87 7.35 12.36
C GLY A 171 12.64 6.57 12.77
N ASN A 172 11.74 7.20 13.52
CA ASN A 172 10.49 6.56 13.90
C ASN A 172 9.42 7.61 14.15
N GLU A 173 8.17 7.18 14.03
CA GLU A 173 7.00 7.98 14.37
C GLU A 173 6.21 7.25 15.44
N PHE A 174 5.66 7.99 16.40
CA PHE A 174 4.92 7.38 17.51
C PHE A 174 3.53 8.01 17.47
N LYS A 175 2.63 7.43 16.70
CA LYS A 175 1.36 8.09 16.40
C LYS A 175 0.15 7.17 16.39
N ASN A 176 0.29 5.89 16.73
CA ASN A 176 -0.82 4.93 16.68
C ASN A 176 -1.40 4.78 15.27
N ILE A 177 -0.55 4.94 14.26
CA ILE A 177 -0.88 4.47 12.93
C ILE A 177 -1.22 3.00 13.03
N PHE A 178 -2.24 2.57 12.27
CA PHE A 178 -2.72 1.20 12.40
C PHE A 178 -3.54 0.85 11.15
N GLY A 179 -3.03 -0.07 10.33
CA GLY A 179 -3.68 -0.50 9.10
C GLY A 179 -4.40 -1.81 9.25
N THR A 180 -4.25 -2.67 8.25
CA THR A 180 -5.02 -3.90 8.14
C THR A 180 -4.36 -5.01 8.95
N PRO A 181 -5.06 -5.64 9.91
CA PRO A 181 -4.42 -6.62 10.80
C PRO A 181 -3.56 -7.69 10.12
N GLU A 182 -3.98 -8.25 8.99
CA GLU A 182 -3.17 -9.29 8.36
C GLU A 182 -1.80 -8.81 7.95
N PHE A 183 -1.63 -7.50 7.75
CA PHE A 183 -0.43 -6.96 7.14
C PHE A 183 0.40 -6.09 8.06
N VAL A 184 -0.11 -5.73 9.23
CA VAL A 184 0.63 -4.80 10.08
C VAL A 184 1.74 -5.54 10.81
N ALA A 185 2.83 -4.84 11.03
CA ALA A 185 3.98 -5.39 11.74
C ALA A 185 3.69 -5.45 13.23
N PRO A 186 4.42 -6.30 13.96
CA PRO A 186 4.21 -6.38 15.42
C PRO A 186 4.31 -5.03 16.11
N GLU A 187 5.18 -4.13 15.64
CA GLU A 187 5.30 -2.84 16.33
C GLU A 187 4.03 -2.01 16.19
N ILE A 188 3.29 -2.18 15.08
CA ILE A 188 2.00 -1.53 14.95
C ILE A 188 1.00 -2.16 15.91
N VAL A 189 0.97 -3.50 15.94
CA VAL A 189 0.08 -4.20 16.86
C VAL A 189 0.32 -3.76 18.29
N ASN A 190 1.56 -3.56 18.66
CA ASN A 190 1.93 -3.25 20.03
C ASN A 190 2.00 -1.75 20.31
N TYR A 191 1.63 -0.93 19.33
CA TYR A 191 1.56 0.52 19.51
C TYR A 191 2.92 1.10 19.86
N GLU A 192 3.96 0.57 19.24
CA GLU A 192 5.32 0.99 19.50
C GLU A 192 5.76 1.99 18.45
N PRO A 193 6.89 2.65 18.64
CA PRO A 193 7.36 3.57 17.60
C PRO A 193 7.56 2.82 16.30
N LEU A 194 7.27 3.50 15.19
CA LEU A 194 7.14 2.87 13.89
C LEU A 194 8.10 3.53 12.93
N GLY A 195 8.66 2.76 12.02
CA GLY A 195 9.54 3.33 11.03
C GLY A 195 9.39 2.63 9.71
N LEU A 196 10.37 2.82 8.82
CA LEU A 196 10.35 2.14 7.53
C LEU A 196 10.26 0.62 7.69
N GLU A 197 10.75 0.09 8.82
CA GLU A 197 10.81 -1.35 9.00
C GLU A 197 9.44 -1.99 8.89
N ALA A 198 8.39 -1.29 9.32
CA ALA A 198 7.05 -1.87 9.30
C ALA A 198 6.61 -2.20 7.88
N ASP A 199 7.00 -1.39 6.90
CA ASP A 199 6.71 -1.71 5.51
C ASP A 199 7.39 -3.00 5.09
N MET A 200 8.60 -3.26 5.59
CA MET A 200 9.30 -4.48 5.19
C MET A 200 8.61 -5.72 5.72
N TRP A 201 8.08 -5.67 6.94
CA TRP A 201 7.24 -6.76 7.42
C TRP A 201 6.06 -6.98 6.47
N SER A 202 5.37 -5.89 6.11
CA SER A 202 4.20 -6.05 5.25
C SER A 202 4.57 -6.70 3.93
N ILE A 203 5.75 -6.36 3.40
CA ILE A 203 6.24 -6.98 2.17
C ILE A 203 6.44 -8.48 2.38
N GLY A 204 6.94 -8.88 3.54
CA GLY A 204 7.04 -10.31 3.82
C GLY A 204 5.70 -11.00 3.81
N VAL A 205 4.68 -10.37 4.39
CA VAL A 205 3.32 -10.92 4.34
C VAL A 205 2.84 -11.03 2.90
N ILE A 206 2.98 -9.95 2.13
CA ILE A 206 2.63 -9.97 0.72
C ILE A 206 3.33 -11.12 -0.01
N THR A 207 4.63 -11.28 0.24
CA THR A 207 5.37 -12.31 -0.48
C THR A 207 4.87 -13.70 -0.13
N TYR A 208 4.59 -13.94 1.16
CA TYR A 208 4.01 -15.21 1.60
C TYR A 208 2.70 -15.49 0.85
N ILE A 209 1.84 -14.49 0.75
CA ILE A 209 0.57 -14.63 0.05
C ILE A 209 0.78 -14.89 -1.43
N LEU A 210 1.67 -14.12 -2.05
CA LEU A 210 1.95 -14.29 -3.46
C LEU A 210 2.35 -15.72 -3.78
N LEU A 211 3.18 -16.32 -2.93
CA LEU A 211 3.72 -17.64 -3.21
C LEU A 211 2.77 -18.76 -2.86
N SER A 212 1.81 -18.54 -1.96
CA SER A 212 1.02 -19.63 -1.41
C SER A 212 -0.47 -19.45 -1.55
N GLY A 213 -0.95 -18.23 -1.77
CA GLY A 213 -2.37 -17.96 -1.72
C GLY A 213 -2.96 -17.95 -0.34
N ALA A 214 -2.12 -18.01 0.69
CA ALA A 214 -2.55 -18.08 2.08
C ALA A 214 -1.94 -16.92 2.84
N SER A 215 -2.66 -16.46 3.85
CA SER A 215 -2.25 -15.33 4.69
C SER A 215 -1.56 -15.86 5.94
N PRO A 216 -0.32 -15.45 6.22
CA PRO A 216 0.47 -16.17 7.24
C PRO A 216 -0.05 -16.05 8.66
N PHE A 217 -0.70 -14.93 9.01
CA PHE A 217 -1.10 -14.67 10.38
C PHE A 217 -2.60 -14.66 10.58
N LEU A 218 -3.36 -14.88 9.52
CA LEU A 218 -4.80 -14.67 9.57
C LEU A 218 -5.46 -15.63 10.54
N GLY A 219 -6.18 -15.08 11.52
CA GLY A 219 -6.96 -15.87 12.44
C GLY A 219 -8.45 -15.77 12.12
N ASP A 220 -9.26 -16.33 13.00
CA ASP A 220 -10.70 -16.31 12.82
C ASP A 220 -11.31 -14.95 13.13
N THR A 221 -10.61 -14.13 13.93
CA THR A 221 -11.10 -12.81 14.28
C THR A 221 -9.93 -11.86 14.16
N LYS A 222 -10.24 -10.55 14.14
CA LYS A 222 -9.17 -9.57 14.05
C LYS A 222 -8.21 -9.67 15.23
N GLN A 223 -8.74 -9.89 16.44
CA GLN A 223 -7.87 -9.98 17.60
C GLN A 223 -6.93 -11.19 17.51
N GLU A 224 -7.42 -12.30 16.95
CA GLU A 224 -6.53 -13.44 16.75
C GLU A 224 -5.43 -13.11 15.75
N THR A 225 -5.78 -12.46 14.65
CA THR A 225 -4.77 -12.06 13.67
C THR A 225 -3.71 -11.19 14.34
N LEU A 226 -4.15 -10.18 15.08
CA LEU A 226 -3.21 -9.27 15.73
C LEU A 226 -2.36 -10.01 16.74
N ALA A 227 -2.97 -10.94 17.50
CA ALA A 227 -2.21 -11.72 18.45
C ALA A 227 -1.18 -12.58 17.75
N ASN A 228 -1.56 -13.20 16.63
CA ASN A 228 -0.63 -14.00 15.84
C ASN A 228 0.53 -13.16 15.32
N VAL A 229 0.23 -11.97 14.84
CA VAL A 229 1.29 -11.09 14.33
C VAL A 229 2.28 -10.79 15.44
N SER A 230 1.77 -10.38 16.60
CA SER A 230 2.68 -10.01 17.68
C SER A 230 3.53 -11.20 18.13
N ALA A 231 2.97 -12.40 18.10
CA ALA A 231 3.70 -13.60 18.48
C ALA A 231 4.56 -14.16 17.36
N VAL A 232 4.50 -13.54 16.17
CA VAL A 232 5.14 -14.07 14.96
C VAL A 232 4.70 -15.51 14.78
N ASN A 233 3.38 -15.72 14.87
CA ASN A 233 2.78 -17.06 14.80
C ASN A 233 2.43 -17.35 13.35
N TYR A 234 3.42 -17.82 12.60
CA TYR A 234 3.20 -18.28 11.24
C TYR A 234 4.16 -19.41 10.93
N GLU A 235 3.84 -20.18 9.90
CA GLU A 235 4.75 -21.20 9.41
C GLU A 235 4.49 -21.42 7.94
N PHE A 236 5.49 -22.00 7.27
CA PHE A 236 5.38 -22.34 5.85
C PHE A 236 4.75 -23.71 5.76
N GLU A 237 3.44 -23.76 5.58
CA GLU A 237 2.76 -25.04 5.46
C GLU A 237 3.27 -25.79 4.24
N ASP A 238 3.71 -27.04 4.45
CA ASP A 238 4.23 -27.85 3.37
C ASP A 238 3.25 -27.96 2.21
N GLU A 239 1.95 -28.05 2.51
CA GLU A 239 0.98 -28.18 1.44
C GLU A 239 1.07 -27.01 0.47
N TYR A 240 1.39 -25.82 0.97
CA TYR A 240 1.49 -24.62 0.15
C TYR A 240 2.89 -24.36 -0.36
N PHE A 241 3.92 -24.77 0.38
CA PHE A 241 5.29 -24.34 0.11
C PHE A 241 6.21 -25.49 -0.29
N SER A 242 5.68 -26.69 -0.54
CA SER A 242 6.54 -27.85 -0.77
C SER A 242 7.39 -27.68 -2.02
N ASN A 243 6.85 -27.02 -3.05
CA ASN A 243 7.58 -26.75 -4.28
C ASN A 243 8.18 -25.36 -4.31
N THR A 244 8.16 -24.63 -3.20
CA THR A 244 8.73 -23.29 -3.13
C THR A 244 10.17 -23.41 -2.67
N SER A 245 11.05 -22.62 -3.28
CA SER A 245 12.48 -22.74 -2.98
C SER A 245 12.75 -22.30 -1.56
N ALA A 246 13.82 -22.88 -0.99
CA ALA A 246 14.23 -22.48 0.35
C ALA A 246 14.65 -21.02 0.40
N LEU A 247 15.16 -20.50 -0.73
CA LEU A 247 15.60 -19.10 -0.75
C LEU A 247 14.42 -18.15 -0.68
N ALA A 248 13.32 -18.49 -1.35
CA ALA A 248 12.08 -17.73 -1.20
C ALA A 248 11.63 -17.72 0.25
N LYS A 249 11.61 -18.88 0.89
CA LYS A 249 11.26 -18.92 2.30
C LYS A 249 12.24 -18.09 3.14
N ASP A 250 13.52 -18.16 2.81
CA ASP A 250 14.52 -17.38 3.52
C ASP A 250 14.23 -15.88 3.43
N PHE A 251 13.87 -15.41 2.24
CA PHE A 251 13.47 -14.01 2.06
C PHE A 251 12.35 -13.64 3.02
N ILE A 252 11.29 -14.43 3.02
CA ILE A 252 10.14 -14.16 3.89
C ILE A 252 10.56 -14.19 5.36
N ARG A 253 11.31 -15.22 5.74
CA ARG A 253 11.69 -15.38 7.14
C ARG A 253 12.51 -14.21 7.63
N ARG A 254 13.32 -13.60 6.77
CA ARG A 254 14.12 -12.46 7.18
C ARG A 254 13.32 -11.15 7.20
N LEU A 255 12.09 -11.17 6.72
CA LEU A 255 11.21 -10.02 6.81
C LEU A 255 10.20 -10.16 7.94
N LEU A 256 9.75 -11.38 8.21
CA LEU A 256 8.78 -11.62 9.27
C LEU A 256 9.49 -11.81 10.62
N VAL A 257 10.19 -10.75 11.02
CA VAL A 257 11.08 -10.74 12.17
C VAL A 257 10.55 -9.68 13.13
N LYS A 258 10.31 -10.08 14.39
CA LYS A 258 9.63 -9.19 15.32
C LYS A 258 10.45 -7.95 15.63
N ASP A 259 11.73 -8.11 15.90
CA ASP A 259 12.57 -6.97 16.22
C ASP A 259 12.82 -6.17 14.96
N PRO A 260 12.35 -4.93 14.87
CA PRO A 260 12.50 -4.18 13.61
C PRO A 260 13.95 -3.96 13.23
N LYS A 261 14.85 -3.88 14.21
CA LYS A 261 16.27 -3.68 13.93
C LYS A 261 16.90 -4.89 13.29
N LYS A 262 16.33 -6.07 13.47
CA LYS A 262 16.87 -7.28 12.87
C LYS A 262 16.19 -7.63 11.55
N ARG A 263 15.12 -6.93 11.18
CA ARG A 263 14.40 -7.20 9.95
C ARG A 263 15.19 -6.71 8.75
N MET A 264 15.03 -7.37 7.60
CA MET A 264 15.69 -6.87 6.41
C MET A 264 15.15 -5.49 6.09
N THR A 265 16.05 -4.59 5.71
CA THR A 265 15.64 -3.30 5.18
C THR A 265 15.32 -3.44 3.70
N ILE A 266 14.81 -2.36 3.10
CA ILE A 266 14.50 -2.41 1.69
C ILE A 266 15.77 -2.66 0.87
N GLN A 267 16.88 -2.06 1.29
CA GLN A 267 18.15 -2.34 0.60
C GLN A 267 18.57 -3.79 0.78
N ASP A 268 18.44 -4.34 1.99
CA ASP A 268 18.70 -5.76 2.18
C ASP A 268 17.85 -6.60 1.24
N SER A 269 16.57 -6.27 1.12
CA SER A 269 15.66 -7.11 0.33
CA SER A 269 15.67 -7.11 0.33
C SER A 269 16.08 -7.12 -1.13
N LEU A 270 16.61 -6.01 -1.63
CA LEU A 270 17.04 -5.95 -3.02
C LEU A 270 18.34 -6.72 -3.25
N GLN A 271 19.17 -6.86 -2.22
CA GLN A 271 20.42 -7.61 -2.31
C GLN A 271 20.27 -9.08 -1.93
N HIS A 272 19.11 -9.46 -1.40
CA HIS A 272 18.89 -10.83 -0.99
C HIS A 272 19.00 -11.76 -2.22
N PRO A 273 19.63 -12.93 -2.07
CA PRO A 273 19.89 -13.79 -3.24
C PRO A 273 18.66 -14.21 -4.00
N TRP A 274 17.49 -14.26 -3.37
CA TRP A 274 16.28 -14.59 -4.11
C TRP A 274 15.90 -13.49 -5.09
N ILE A 275 16.27 -12.25 -4.79
CA ILE A 275 15.88 -11.09 -5.60
C ILE A 275 17.01 -10.64 -6.51
N LYS A 276 18.23 -10.55 -5.98
CA LYS A 276 19.33 -9.98 -6.74
C LYS A 276 19.64 -10.83 -7.97
N PRO A 277 19.78 -10.23 -9.16
CA PRO A 277 20.06 -10.95 -10.41
C PRO A 277 21.42 -11.65 -10.41
C1 PIT B . -6.64 4.38 -9.66
C2 PIT B . -7.58 3.36 -9.65
C3 PIT B . -8.10 2.90 -8.45
C4 PIT B . -7.67 3.45 -7.24
C5 PIT B . -6.71 4.46 -7.26
C6 PIT B . -6.20 4.94 -8.47
C7 PIT B . -6.31 4.99 -6.04
C8 PIT B . -5.02 5.75 -6.06
C9 PIT B . -4.60 6.35 -4.86
C10 PIT B . -5.38 6.48 -3.69
C11 PIT B . -4.83 7.14 -2.60
C12 PIT B . -3.51 7.62 -2.66
C13 PIT B . -2.74 7.47 -3.80
C14 PIT B . -3.31 6.83 -4.88
O1 PIT B . -2.99 8.21 -1.57
O2 PIT B . -9.03 1.90 -8.43
O3 PIT B . -6.15 4.81 -10.86
OAD PIT B . -5.50 7.35 -1.41
S SO4 C . 10.35 -24.48 7.53
O1 SO4 C . 10.95 -25.69 8.09
O2 SO4 C . 8.90 -24.61 7.58
O3 SO4 C . 10.75 -23.30 8.32
O4 SO4 C . 10.76 -24.30 6.15
#